data_7E9B
#
_entry.id   7E9B
#
_cell.length_a   38.985
_cell.length_b   45.014
_cell.length_c   80.890
_cell.angle_alpha   93.600
_cell.angle_beta   102.160
_cell.angle_gamma   97.340
#
_symmetry.space_group_name_H-M   'P 1'
#
loop_
_entity.id
_entity.type
_entity.pdbx_description
1 polymer 'heavy chain of Fab fragment of HLX10'
2 polymer 'light chain of Fab fragment of HLX10'
3 polymer 'Programmed cell death protein 1'
4 water water
#
loop_
_entity_poly.entity_id
_entity_poly.type
_entity_poly.pdbx_seq_one_letter_code
_entity_poly.pdbx_strand_id
1 'polypeptide(L)'
;QVQLVESGGGLVKPGGSLRLSCAASGFTFSNYGMSWIRQAPGKGLEWVSTISGGGSNIYYADSVKGRFTISRDNAKNSLY
LQMNSLRAEDTAVYYCVSYYYGIDFWGQGTSVTVSSASTKGPSVFPLAPCSRSTSESTAALGCLVKDYFPEPVTVSWNSG
ALTSGVHTFPAVLQSSGLYSLSSVVTVPSSSLGTKTYTCNVDHKPSNTKVDKRVE
;
H
2 'polypeptide(L)'
;DIQMTQSPSSLSASVGDRVTITCKASQDVTTAVAWYQQKPGKAPKLLIYWASTRHTGVPSRFSGSGSGTDFTLTISSLQP
EDFATYYCQQHYTIPWTFGGGTKLEIKRTVAAPSVFIFPPSDEQLKSGTASVVCLLNNFYPREAKVQWKVDNALQSGNSQ
ESVTEQDSKDSTYSLSSTLTLSKADYEKHKVYACEVTHQGLSSPVTKSFNRGEC
;
L
3 'polypeptide(L)'
;WNPPTFSPALLVVTEGDNATFTCSFSNTSESFVLNWYRMSPSNQTDKLAAFPEDRSQPGQDCRFRVTQLPNGRDFHMSVV
RARRNDSGTYLCGAISLAPKAQIKESLRAELRVTE
;
C
#
# COMPACT_ATOMS: atom_id res chain seq x y z
N GLN A 1 -0.53 -8.91 21.17
CA GLN A 1 0.08 -8.00 20.21
C GLN A 1 -0.78 -6.76 19.98
N VAL A 2 -0.17 -5.73 19.40
CA VAL A 2 -0.91 -4.56 18.98
C VAL A 2 -1.85 -4.97 17.85
N GLN A 3 -3.12 -4.62 17.96
CA GLN A 3 -4.11 -4.97 16.95
C GLN A 3 -4.99 -3.78 16.66
N LEU A 4 -5.28 -3.55 15.38
CA LEU A 4 -6.15 -2.48 14.90
C LEU A 4 -7.13 -3.10 13.92
N VAL A 5 -8.43 -2.93 14.17
CA VAL A 5 -9.48 -3.57 13.38
C VAL A 5 -10.49 -2.52 12.94
N GLU A 6 -10.59 -2.29 11.63
CA GLU A 6 -11.50 -1.32 11.03
C GLU A 6 -12.84 -1.95 10.69
N SER A 7 -13.86 -1.11 10.65
N SER A 7 -13.87 -1.10 10.66
CA SER A 7 -15.21 -1.51 10.26
CA SER A 7 -15.19 -1.51 10.20
C SER A 7 -15.96 -0.29 9.73
C SER A 7 -15.95 -0.28 9.71
N GLY A 8 -17.01 -0.54 8.96
CA GLY A 8 -17.91 0.50 8.49
C GLY A 8 -17.86 0.81 7.00
N GLY A 9 -16.92 0.22 6.27
CA GLY A 9 -16.84 0.50 4.85
C GLY A 9 -18.01 -0.12 4.09
N GLY A 10 -18.32 0.47 2.95
CA GLY A 10 -19.38 -0.05 2.13
C GLY A 10 -19.57 0.81 0.91
N LEU A 11 -20.76 0.67 0.30
CA LEU A 11 -21.11 1.40 -0.90
C LEU A 11 -21.95 2.62 -0.54
N VAL A 12 -21.56 3.79 -1.06
CA VAL A 12 -22.32 5.01 -0.83
C VAL A 12 -22.48 5.77 -2.15
N LYS A 13 -23.60 6.49 -2.27
CA LYS A 13 -23.81 7.34 -3.43
C LYS A 13 -23.00 8.64 -3.27
N PRO A 14 -22.58 9.25 -4.37
CA PRO A 14 -21.93 10.57 -4.28
C PRO A 14 -22.81 11.55 -3.52
N GLY A 15 -22.19 12.31 -2.63
CA GLY A 15 -22.92 13.19 -1.74
C GLY A 15 -23.32 12.58 -0.42
N GLY A 16 -23.26 11.25 -0.30
CA GLY A 16 -23.66 10.57 0.91
C GLY A 16 -22.60 10.60 2.00
N SER A 17 -22.88 9.84 3.07
CA SER A 17 -22.01 9.86 4.24
C SER A 17 -21.82 8.44 4.77
N LEU A 18 -20.74 8.27 5.53
CA LEU A 18 -20.35 6.96 6.04
C LEU A 18 -19.47 7.17 7.25
N ARG A 19 -19.61 6.33 8.28
CA ARG A 19 -18.79 6.44 9.47
C ARG A 19 -17.94 5.20 9.63
N LEU A 20 -16.62 5.38 9.65
CA LEU A 20 -15.68 4.28 9.86
C LEU A 20 -15.28 4.25 11.33
N SER A 21 -15.07 3.03 11.83
N SER A 21 -15.08 3.04 11.84
CA SER A 21 -14.66 2.82 13.21
CA SER A 21 -14.64 2.85 13.21
C SER A 21 -13.43 1.93 13.22
C SER A 21 -13.43 1.94 13.22
N CYS A 22 -12.65 2.05 14.29
CA CYS A 22 -11.46 1.24 14.44
C CYS A 22 -11.33 0.90 15.91
N ALA A 23 -11.18 -0.39 16.21
CA ALA A 23 -10.96 -0.86 17.57
C ALA A 23 -9.49 -1.19 17.74
N ALA A 24 -8.88 -0.68 18.81
CA ALA A 24 -7.46 -0.82 19.08
C ALA A 24 -7.25 -1.65 20.33
N SER A 25 -6.21 -2.49 20.33
CA SER A 25 -5.91 -3.24 21.53
C SER A 25 -4.42 -3.53 21.57
N GLY A 26 -3.94 -3.86 22.77
CA GLY A 26 -2.54 -4.25 22.97
C GLY A 26 -1.59 -3.15 23.34
N PHE A 27 -2.09 -1.96 23.65
CA PHE A 27 -1.29 -0.82 24.06
C PHE A 27 -2.19 0.16 24.78
N THR A 28 -1.60 1.06 25.54
CA THR A 28 -2.38 2.10 26.20
C THR A 28 -2.78 3.12 25.15
N PHE A 29 -4.06 3.05 24.74
CA PHE A 29 -4.56 3.80 23.59
C PHE A 29 -4.25 5.29 23.71
N SER A 30 -4.54 5.88 24.87
CA SER A 30 -4.47 7.33 25.00
C SER A 30 -3.05 7.87 24.91
N ASN A 31 -2.04 7.02 24.94
CA ASN A 31 -0.65 7.50 24.85
C ASN A 31 -0.13 7.57 23.42
N TYR A 32 -0.93 7.23 22.40
CA TYR A 32 -0.41 7.17 21.04
C TYR A 32 -1.33 7.86 20.05
N GLY A 33 -0.70 8.53 19.08
CA GLY A 33 -1.45 9.17 18.01
C GLY A 33 -2.02 8.13 17.06
N MET A 34 -3.14 8.47 16.44
CA MET A 34 -3.79 7.59 15.48
C MET A 34 -4.04 8.36 14.19
N SER A 35 -4.28 7.61 13.12
CA SER A 35 -4.36 8.24 11.81
C SER A 35 -5.16 7.37 10.87
N TRP A 36 -5.65 7.98 9.80
CA TRP A 36 -6.31 7.27 8.70
C TRP A 36 -5.48 7.52 7.46
N ILE A 37 -5.12 6.43 6.77
CA ILE A 37 -4.42 6.45 5.49
C ILE A 37 -5.30 5.75 4.47
N ARG A 38 -5.28 6.20 3.22
CA ARG A 38 -6.13 5.53 2.25
C ARG A 38 -5.38 5.25 0.97
N GLN A 39 -5.94 4.31 0.21
CA GLN A 39 -5.32 3.82 -1.02
C GLN A 39 -6.43 3.55 -2.03
N ALA A 40 -6.51 4.43 -3.03
CA ALA A 40 -7.45 4.23 -4.13
C ALA A 40 -7.04 3.02 -4.96
N PRO A 41 -7.98 2.37 -5.64
CA PRO A 41 -7.65 1.14 -6.37
C PRO A 41 -6.55 1.39 -7.39
N GLY A 42 -5.51 0.56 -7.32
CA GLY A 42 -4.39 0.69 -8.23
C GLY A 42 -3.47 1.87 -8.00
N LYS A 43 -3.65 2.60 -6.90
CA LYS A 43 -2.91 3.83 -6.64
C LYS A 43 -2.05 3.65 -5.40
N GLY A 44 -1.39 4.75 -5.01
CA GLY A 44 -0.49 4.76 -3.88
C GLY A 44 -1.20 5.13 -2.60
N LEU A 45 -0.40 5.47 -1.58
CA LEU A 45 -0.89 5.77 -0.26
C LEU A 45 -1.14 7.27 -0.12
N GLU A 46 -2.21 7.63 0.60
CA GLU A 46 -2.56 9.04 0.80
C GLU A 46 -2.95 9.24 2.25
N TRP A 47 -2.26 10.14 2.96
CA TRP A 47 -2.63 10.43 4.34
C TRP A 47 -3.93 11.24 4.36
N VAL A 48 -4.85 10.83 5.23
CA VAL A 48 -6.18 11.47 5.37
C VAL A 48 -6.24 12.37 6.57
N SER A 49 -5.90 11.82 7.75
CA SER A 49 -6.06 12.68 8.93
C SER A 49 -5.37 12.07 10.13
N THR A 50 -5.02 12.90 11.10
CA THR A 50 -4.27 12.48 12.28
C THR A 50 -4.86 13.09 13.53
N ILE A 51 -4.86 12.33 14.64
CA ILE A 51 -5.31 12.82 15.92
C ILE A 51 -4.35 12.38 17.01
N SER A 52 -3.95 13.31 17.87
CA SER A 52 -3.00 12.98 18.93
C SER A 52 -3.65 12.09 19.99
N GLY A 53 -2.79 11.56 20.88
CA GLY A 53 -3.26 10.65 21.92
C GLY A 53 -4.41 11.21 22.75
N GLY A 54 -4.26 12.45 23.22
CA GLY A 54 -5.32 13.06 24.00
C GLY A 54 -6.43 13.68 23.17
N GLY A 55 -6.21 13.77 21.86
CA GLY A 55 -7.24 14.25 20.97
C GLY A 55 -7.26 15.75 20.73
N SER A 56 -6.25 16.50 21.18
CA SER A 56 -6.29 17.95 21.02
C SER A 56 -5.55 18.44 19.77
N ASN A 57 -4.64 17.65 19.21
CA ASN A 57 -3.96 17.99 17.97
C ASN A 57 -4.61 17.17 16.86
N ILE A 58 -5.30 17.85 15.95
CA ILE A 58 -6.04 17.21 14.87
C ILE A 58 -5.68 17.88 13.55
N TYR A 59 -5.38 17.07 12.53
CA TYR A 59 -4.96 17.58 11.23
C TYR A 59 -5.68 16.80 10.15
N TYR A 60 -5.93 17.48 9.02
CA TYR A 60 -6.64 16.91 7.88
C TYR A 60 -5.91 17.23 6.59
N ALA A 61 -5.97 16.31 5.65
CA ALA A 61 -5.53 16.63 4.29
C ALA A 61 -6.51 17.60 3.63
N ASP A 62 -5.98 18.52 2.83
CA ASP A 62 -6.83 19.51 2.16
C ASP A 62 -7.94 18.86 1.36
N SER A 63 -7.68 17.68 0.78
CA SER A 63 -8.67 17.02 -0.06
C SER A 63 -9.92 16.62 0.71
N VAL A 64 -9.85 16.51 2.03
CA VAL A 64 -10.99 16.10 2.83
C VAL A 64 -11.41 17.15 3.84
N LYS A 65 -10.71 18.27 3.92
CA LYS A 65 -11.07 19.28 4.91
C LYS A 65 -12.49 19.78 4.68
N GLY A 66 -13.24 19.92 5.77
CA GLY A 66 -14.60 20.40 5.73
C GLY A 66 -15.61 19.29 5.51
N ARG A 67 -15.17 18.14 5.02
CA ARG A 67 -16.06 17.00 4.79
C ARG A 67 -15.84 15.84 5.75
N PHE A 68 -14.60 15.55 6.15
CA PHE A 68 -14.28 14.45 7.04
C PHE A 68 -13.99 14.96 8.45
N THR A 69 -14.38 14.19 9.45
CA THR A 69 -14.09 14.51 10.85
C THR A 69 -13.49 13.31 11.55
N ILE A 70 -12.31 13.47 12.13
CA ILE A 70 -11.65 12.39 12.86
C ILE A 70 -11.97 12.57 14.34
N SER A 71 -12.05 11.45 15.07
CA SER A 71 -12.30 11.58 16.50
C SER A 71 -11.89 10.28 17.18
N ARG A 72 -11.83 10.31 18.52
CA ARG A 72 -11.44 9.10 19.23
C ARG A 72 -12.14 9.07 20.57
N ASP A 73 -12.37 7.85 21.06
CA ASP A 73 -12.94 7.60 22.37
C ASP A 73 -11.93 6.75 23.14
N ASN A 74 -11.19 7.38 24.06
CA ASN A 74 -10.12 6.67 24.74
C ASN A 74 -10.63 5.69 25.78
N ALA A 75 -11.87 5.87 26.24
CA ALA A 75 -12.47 4.88 27.13
C ALA A 75 -12.91 3.62 26.40
N LYS A 76 -13.14 3.70 25.10
CA LYS A 76 -13.54 2.56 24.29
C LYS A 76 -12.43 2.06 23.39
N ASN A 77 -11.22 2.61 23.50
CA ASN A 77 -10.09 2.27 22.65
C ASN A 77 -10.48 2.35 21.18
N SER A 78 -11.16 3.45 20.81
CA SER A 78 -11.79 3.52 19.50
C SER A 78 -11.38 4.78 18.75
N LEU A 79 -11.31 4.65 17.42
CA LEU A 79 -11.00 5.74 16.52
C LEU A 79 -12.10 5.81 15.47
N TYR A 80 -12.50 7.02 15.05
CA TYR A 80 -13.59 7.17 14.10
C TYR A 80 -13.21 8.11 12.98
N LEU A 81 -13.81 7.87 11.81
CA LEU A 81 -13.79 8.82 10.70
C LEU A 81 -15.22 9.03 10.23
N GLN A 82 -15.76 10.21 10.45
CA GLN A 82 -17.07 10.57 9.90
C GLN A 82 -16.83 11.20 8.53
N MET A 83 -17.33 10.57 7.47
CA MET A 83 -17.09 11.04 6.11
C MET A 83 -18.40 11.56 5.54
N ASN A 84 -18.48 12.87 5.32
CA ASN A 84 -19.67 13.49 4.75
C ASN A 84 -19.37 13.98 3.34
N SER A 85 -20.45 14.18 2.57
CA SER A 85 -20.32 14.73 1.22
C SER A 85 -19.28 13.94 0.41
N LEU A 86 -19.44 12.62 0.44
CA LEU A 86 -18.45 11.76 -0.22
C LEU A 86 -18.45 12.00 -1.72
N ARG A 87 -17.27 11.86 -2.32
CA ARG A 87 -17.06 12.03 -3.75
C ARG A 87 -16.49 10.74 -4.34
N ALA A 88 -16.59 10.63 -5.66
CA ALA A 88 -16.12 9.42 -6.33
C ALA A 88 -14.66 9.14 -6.01
N GLU A 89 -13.82 10.18 -5.94
CA GLU A 89 -12.39 9.94 -5.70
C GLU A 89 -12.08 9.61 -4.26
N ASP A 90 -13.07 9.63 -3.36
CA ASP A 90 -12.85 9.07 -2.03
C ASP A 90 -12.92 7.55 -2.02
N THR A 91 -13.22 6.92 -3.15
CA THR A 91 -13.22 5.48 -3.25
C THR A 91 -11.81 4.94 -2.96
N ALA A 92 -11.71 4.05 -1.98
CA ALA A 92 -10.38 3.60 -1.53
C ALA A 92 -10.54 2.59 -0.42
N VAL A 93 -9.44 1.87 -0.14
CA VAL A 93 -9.30 1.16 1.13
C VAL A 93 -8.80 2.15 2.18
N TYR A 94 -9.46 2.18 3.33
CA TYR A 94 -9.12 3.08 4.42
C TYR A 94 -8.48 2.25 5.52
N TYR A 95 -7.24 2.58 5.89
CA TYR A 95 -6.49 1.92 6.95
C TYR A 95 -6.52 2.79 8.20
N CYS A 96 -6.99 2.22 9.30
CA CYS A 96 -6.70 2.73 10.63
C CYS A 96 -5.25 2.42 10.98
N VAL A 97 -4.48 3.43 11.41
CA VAL A 97 -3.08 3.22 11.74
C VAL A 97 -2.75 3.94 13.03
N SER A 98 -1.64 3.53 13.63
CA SER A 98 -1.06 4.27 14.74
C SER A 98 0.38 4.62 14.36
N TYR A 99 0.88 5.73 14.87
CA TYR A 99 2.20 6.18 14.46
C TYR A 99 3.07 6.44 15.68
N TYR A 100 4.36 6.54 15.43
CA TYR A 100 5.37 6.83 16.43
C TYR A 100 6.44 7.58 15.66
N TYR A 101 7.52 6.91 15.26
CA TYR A 101 8.38 7.41 14.20
C TYR A 101 7.97 6.74 12.88
N GLY A 102 7.31 7.48 12.01
CA GLY A 102 6.64 6.79 10.92
C GLY A 102 5.42 6.05 11.46
N ILE A 103 4.79 5.28 10.59
CA ILE A 103 3.50 4.64 10.88
C ILE A 103 3.82 3.18 11.22
N ASP A 104 3.88 2.86 12.51
CA ASP A 104 4.41 1.55 12.88
C ASP A 104 3.37 0.44 12.95
N PHE A 105 2.07 0.76 13.04
CA PHE A 105 1.05 -0.29 13.09
C PHE A 105 -0.08 0.04 12.12
N TRP A 106 -0.50 -0.95 11.33
CA TRP A 106 -1.54 -0.77 10.33
C TRP A 106 -2.62 -1.82 10.50
N GLY A 107 -3.88 -1.41 10.41
CA GLY A 107 -4.94 -2.37 10.26
C GLY A 107 -4.98 -2.88 8.83
N GLN A 108 -5.83 -3.89 8.57
CA GLN A 108 -5.85 -4.45 7.23
C GLN A 108 -6.82 -3.73 6.31
N GLY A 109 -7.51 -2.72 6.82
CA GLY A 109 -8.26 -1.79 6.00
C GLY A 109 -9.72 -2.18 5.81
N THR A 110 -10.53 -1.17 5.48
CA THR A 110 -11.92 -1.38 5.10
C THR A 110 -12.22 -0.62 3.81
N SER A 111 -12.93 -1.26 2.89
CA SER A 111 -13.14 -0.72 1.55
C SER A 111 -14.37 0.20 1.50
N VAL A 112 -14.21 1.37 0.86
CA VAL A 112 -15.28 2.34 0.65
C VAL A 112 -15.38 2.57 -0.86
N THR A 113 -16.58 2.46 -1.40
CA THR A 113 -16.82 2.68 -2.82
C THR A 113 -17.91 3.72 -2.95
N VAL A 114 -17.59 4.83 -3.62
CA VAL A 114 -18.53 5.93 -3.83
C VAL A 114 -18.88 5.93 -5.30
N SER A 115 -20.14 5.63 -5.63
CA SER A 115 -20.57 5.50 -7.00
C SER A 115 -22.09 5.61 -7.07
N SER A 116 -22.59 6.16 -8.19
CA SER A 116 -24.03 6.19 -8.43
C SER A 116 -24.55 4.88 -9.00
N ALA A 117 -23.68 3.94 -9.35
CA ALA A 117 -24.14 2.67 -9.89
C ALA A 117 -24.91 1.88 -8.84
N SER A 118 -25.77 0.99 -9.30
CA SER A 118 -26.49 0.08 -8.43
C SER A 118 -26.01 -1.34 -8.65
N THR A 119 -26.23 -2.18 -7.64
CA THR A 119 -25.78 -3.56 -7.69
C THR A 119 -26.42 -4.27 -8.89
N LYS A 120 -25.58 -4.96 -9.66
CA LYS A 120 -26.00 -5.56 -10.93
C LYS A 120 -25.07 -6.72 -11.25
N GLY A 121 -25.65 -7.88 -11.61
CA GLY A 121 -24.85 -9.02 -12.00
C GLY A 121 -24.32 -8.94 -13.43
N PRO A 122 -23.23 -9.65 -13.71
CA PRO A 122 -22.59 -9.55 -15.02
C PRO A 122 -23.31 -10.34 -16.10
N SER A 123 -23.13 -9.89 -17.33
CA SER A 123 -23.39 -10.74 -18.49
C SER A 123 -22.09 -11.42 -18.89
N VAL A 124 -22.16 -12.71 -19.18
CA VAL A 124 -20.98 -13.52 -19.46
C VAL A 124 -21.05 -13.99 -20.90
N PHE A 125 -20.10 -13.55 -21.71
CA PHE A 125 -20.06 -13.85 -23.14
C PHE A 125 -18.84 -14.70 -23.46
N PRO A 126 -18.93 -15.65 -24.38
CA PRO A 126 -17.76 -16.46 -24.72
C PRO A 126 -16.79 -15.69 -25.59
N LEU A 127 -15.51 -16.05 -25.44
CA LEU A 127 -14.42 -15.58 -26.26
C LEU A 127 -13.86 -16.81 -26.98
N ALA A 128 -14.03 -16.86 -28.29
CA ALA A 128 -13.59 -18.01 -29.07
C ALA A 128 -13.10 -17.50 -30.42
N PRO A 129 -12.08 -18.13 -31.01
CA PRO A 129 -11.58 -17.68 -32.31
C PRO A 129 -12.59 -17.87 -33.43
N GLU A 136 -1.10 -23.03 -35.22
CA GLU A 136 -0.16 -23.22 -34.11
C GLU A 136 -0.63 -24.31 -33.16
N SER A 137 0.25 -24.75 -32.28
CA SER A 137 -0.06 -25.83 -31.36
C SER A 137 -0.93 -25.38 -30.20
N THR A 138 -1.13 -24.08 -30.01
CA THR A 138 -1.82 -23.58 -28.84
C THR A 138 -2.96 -22.64 -29.26
N ALA A 139 -4.10 -22.79 -28.61
CA ALA A 139 -5.26 -21.96 -28.83
C ALA A 139 -5.69 -21.29 -27.52
N ALA A 140 -6.41 -20.19 -27.65
CA ALA A 140 -6.90 -19.45 -26.50
C ALA A 140 -8.43 -19.43 -26.54
N LEU A 141 -9.03 -19.49 -25.36
CA LEU A 141 -10.47 -19.29 -25.18
C LEU A 141 -10.68 -18.40 -23.97
N GLY A 142 -11.91 -17.90 -23.81
CA GLY A 142 -12.13 -17.01 -22.69
C GLY A 142 -13.60 -16.77 -22.41
N CYS A 143 -13.83 -15.97 -21.38
CA CYS A 143 -15.14 -15.41 -21.06
C CYS A 143 -14.98 -13.93 -20.78
N LEU A 144 -15.83 -13.11 -21.39
CA LEU A 144 -15.95 -11.70 -21.09
C LEU A 144 -17.05 -11.51 -20.07
N VAL A 145 -16.70 -10.99 -18.90
CA VAL A 145 -17.61 -10.81 -17.76
C VAL A 145 -17.90 -9.31 -17.69
N LYS A 146 -19.02 -8.88 -18.25
CA LYS A 146 -19.26 -7.48 -18.58
C LYS A 146 -20.38 -6.87 -17.74
N ASP A 147 -20.20 -5.60 -17.36
CA ASP A 147 -21.28 -4.76 -16.85
C ASP A 147 -21.84 -5.25 -15.52
N TYR A 148 -20.95 -5.36 -14.53
CA TYR A 148 -21.37 -5.74 -13.18
C TYR A 148 -20.96 -4.66 -12.20
N PHE A 149 -21.63 -4.66 -11.03
CA PHE A 149 -21.28 -3.76 -9.95
C PHE A 149 -21.83 -4.32 -8.65
N PRO A 150 -21.09 -4.24 -7.54
CA PRO A 150 -19.73 -3.74 -7.44
C PRO A 150 -18.73 -4.88 -7.56
N GLU A 151 -17.45 -4.58 -7.36
CA GLU A 151 -16.45 -5.61 -7.28
C GLU A 151 -16.72 -6.47 -6.03
N PRO A 152 -16.27 -7.73 -6.01
CA PRO A 152 -15.53 -8.50 -7.01
C PRO A 152 -16.39 -9.56 -7.68
N VAL A 153 -15.81 -10.21 -8.69
CA VAL A 153 -16.34 -11.45 -9.25
C VAL A 153 -15.26 -12.51 -9.09
N THR A 154 -15.68 -13.78 -9.05
CA THR A 154 -14.73 -14.90 -9.06
C THR A 154 -14.98 -15.73 -10.31
N VAL A 155 -13.91 -16.12 -10.99
CA VAL A 155 -14.04 -16.94 -12.19
C VAL A 155 -13.23 -18.22 -11.99
N SER A 156 -13.83 -19.35 -12.31
CA SER A 156 -13.11 -20.60 -12.40
C SER A 156 -13.42 -21.22 -13.74
N TRP A 157 -12.68 -22.28 -14.08
CA TRP A 157 -12.87 -22.97 -15.34
C TRP A 157 -13.11 -24.45 -15.08
N ASN A 158 -14.12 -25.01 -15.73
CA ASN A 158 -14.47 -26.42 -15.60
C ASN A 158 -14.61 -26.82 -14.13
N SER A 159 -15.26 -25.95 -13.36
CA SER A 159 -15.51 -26.16 -11.92
C SER A 159 -14.22 -26.32 -11.12
N GLY A 160 -13.13 -25.69 -11.56
CA GLY A 160 -11.85 -25.81 -10.88
C GLY A 160 -10.94 -26.90 -11.38
N ALA A 161 -11.38 -27.71 -12.35
CA ALA A 161 -10.53 -28.76 -12.88
C ALA A 161 -9.47 -28.21 -13.82
N LEU A 162 -9.65 -27.00 -14.32
CA LEU A 162 -8.74 -26.38 -15.28
C LEU A 162 -8.16 -25.13 -14.63
N THR A 163 -6.90 -25.21 -14.18
CA THR A 163 -6.24 -24.07 -13.57
C THR A 163 -4.97 -23.65 -14.31
N SER A 164 -4.23 -24.61 -14.87
CA SER A 164 -3.01 -24.28 -15.59
C SER A 164 -3.31 -23.43 -16.81
N GLY A 165 -2.56 -22.34 -16.97
CA GLY A 165 -2.73 -21.48 -18.13
C GLY A 165 -3.90 -20.52 -18.07
N VAL A 166 -4.58 -20.41 -16.92
CA VAL A 166 -5.69 -19.47 -16.75
C VAL A 166 -5.13 -18.11 -16.35
N HIS A 167 -5.64 -17.06 -16.97
CA HIS A 167 -5.38 -15.69 -16.54
C HIS A 167 -6.71 -14.98 -16.41
N THR A 168 -7.05 -14.54 -15.20
CA THR A 168 -8.22 -13.71 -14.98
C THR A 168 -7.73 -12.30 -14.73
N PHE A 169 -8.14 -11.36 -15.60
CA PHE A 169 -7.54 -10.02 -15.60
C PHE A 169 -8.21 -9.13 -14.56
N PRO A 170 -7.47 -8.13 -14.06
CA PRO A 170 -8.10 -7.09 -13.23
C PRO A 170 -9.24 -6.41 -13.97
N ALA A 171 -10.32 -6.17 -13.23
CA ALA A 171 -11.46 -5.47 -13.79
C ALA A 171 -11.07 -4.04 -14.18
N VAL A 172 -11.73 -3.53 -15.21
CA VAL A 172 -11.64 -2.13 -15.55
C VAL A 172 -12.99 -1.50 -15.29
N LEU A 173 -12.97 -0.30 -14.74
CA LEU A 173 -14.20 0.47 -14.52
C LEU A 173 -14.56 1.23 -15.79
N GLN A 174 -15.78 1.01 -16.29
CA GLN A 174 -16.21 1.66 -17.53
C GLN A 174 -16.81 3.04 -17.22
N SER A 175 -16.98 3.86 -18.26
CA SER A 175 -17.57 5.18 -18.05
C SER A 175 -19.02 5.08 -17.56
N SER A 176 -19.69 3.96 -17.83
CA SER A 176 -21.02 3.69 -17.28
C SER A 176 -21.03 3.53 -15.77
N GLY A 177 -19.87 3.38 -15.14
CA GLY A 177 -19.82 3.05 -13.72
C GLY A 177 -19.86 1.57 -13.40
N LEU A 178 -20.01 0.71 -14.40
CA LEU A 178 -19.97 -0.75 -14.25
C LEU A 178 -18.59 -1.29 -14.60
N TYR A 179 -18.26 -2.43 -14.00
CA TYR A 179 -16.97 -3.06 -14.21
C TYR A 179 -17.06 -4.13 -15.29
N SER A 180 -15.90 -4.48 -15.83
CA SER A 180 -15.81 -5.47 -16.89
C SER A 180 -14.44 -6.13 -16.79
N LEU A 181 -14.40 -7.46 -16.96
CA LEU A 181 -13.13 -8.14 -16.99
C LEU A 181 -13.21 -9.33 -17.93
N SER A 182 -12.06 -9.92 -18.20
CA SER A 182 -11.99 -11.10 -19.04
C SER A 182 -11.22 -12.17 -18.28
N SER A 183 -11.58 -13.43 -18.53
CA SER A 183 -10.77 -14.56 -18.07
C SER A 183 -10.43 -15.39 -19.28
N VAL A 184 -9.18 -15.82 -19.41
CA VAL A 184 -8.77 -16.55 -20.60
C VAL A 184 -7.97 -17.77 -20.16
N VAL A 185 -7.91 -18.74 -21.07
CA VAL A 185 -7.03 -19.89 -20.87
C VAL A 185 -6.45 -20.30 -22.20
N THR A 186 -5.19 -20.73 -22.21
CA THR A 186 -4.59 -21.34 -23.39
C THR A 186 -4.52 -22.84 -23.18
N VAL A 187 -4.80 -23.58 -24.25
CA VAL A 187 -4.84 -25.04 -24.26
C VAL A 187 -4.25 -25.54 -25.54
N PRO A 188 -3.91 -26.82 -25.64
CA PRO A 188 -3.45 -27.38 -26.90
C PRO A 188 -4.50 -27.20 -27.99
N SER A 189 -4.05 -26.84 -29.19
CA SER A 189 -4.97 -26.63 -30.31
C SER A 189 -5.83 -27.88 -30.58
N SER A 190 -5.20 -29.06 -30.53
CA SER A 190 -5.91 -30.30 -30.77
C SER A 190 -7.07 -30.52 -29.80
N SER A 191 -7.11 -29.78 -28.69
CA SER A 191 -8.18 -29.94 -27.71
C SER A 191 -9.46 -29.21 -28.11
N LEU A 192 -9.43 -28.34 -29.12
CA LEU A 192 -10.58 -27.48 -29.38
C LEU A 192 -11.79 -28.23 -29.96
N GLY A 193 -11.64 -29.50 -30.31
CA GLY A 193 -12.78 -30.21 -30.86
C GLY A 193 -13.17 -31.40 -30.02
N THR A 194 -12.38 -31.68 -28.98
CA THR A 194 -12.55 -32.87 -28.16
C THR A 194 -12.97 -32.58 -26.74
N LYS A 195 -12.51 -31.48 -26.16
CA LYS A 195 -12.72 -31.14 -24.77
C LYS A 195 -13.76 -30.01 -24.65
N THR A 196 -14.55 -30.03 -23.58
CA THR A 196 -15.47 -28.94 -23.32
C THR A 196 -14.85 -27.97 -22.32
N TYR A 197 -15.18 -26.68 -22.50
CA TYR A 197 -14.59 -25.62 -21.68
C TYR A 197 -15.71 -24.72 -21.21
N THR A 198 -15.86 -24.58 -19.90
CA THR A 198 -16.94 -23.81 -19.30
C THR A 198 -16.35 -22.87 -18.27
N CYS A 199 -16.65 -21.59 -18.38
CA CYS A 199 -16.25 -20.68 -17.32
C CYS A 199 -17.40 -20.51 -16.35
N ASN A 200 -17.06 -20.49 -15.07
CA ASN A 200 -18.00 -20.36 -13.97
C ASN A 200 -17.75 -19.02 -13.29
N VAL A 201 -18.75 -18.17 -13.29
CA VAL A 201 -18.64 -16.79 -12.82
C VAL A 201 -19.57 -16.63 -11.63
N ASP A 202 -19.01 -16.16 -10.51
CA ASP A 202 -19.77 -15.92 -9.29
C ASP A 202 -19.71 -14.44 -8.95
N HIS A 203 -20.87 -13.85 -8.68
CA HIS A 203 -20.97 -12.45 -8.26
C HIS A 203 -21.91 -12.46 -7.05
N LYS A 204 -21.33 -12.60 -5.86
CA LYS A 204 -22.13 -12.66 -4.65
C LYS A 204 -22.96 -11.40 -4.37
N PRO A 205 -22.46 -10.17 -4.61
CA PRO A 205 -23.30 -9.00 -4.32
C PRO A 205 -24.66 -9.04 -4.99
N SER A 206 -24.74 -9.65 -6.17
CA SER A 206 -25.99 -9.82 -6.89
C SER A 206 -26.54 -11.23 -6.84
N ASN A 207 -25.89 -12.14 -6.09
CA ASN A 207 -26.36 -13.52 -5.95
C ASN A 207 -26.46 -14.18 -7.33
N THR A 208 -25.46 -13.94 -8.16
CA THR A 208 -25.42 -14.44 -9.53
C THR A 208 -24.38 -15.54 -9.64
N LYS A 209 -24.76 -16.65 -10.25
CA LYS A 209 -23.83 -17.73 -10.58
C LYS A 209 -24.14 -18.18 -12.00
N VAL A 210 -23.14 -18.08 -12.89
CA VAL A 210 -23.32 -18.28 -14.32
C VAL A 210 -22.30 -19.29 -14.81
N ASP A 211 -22.78 -20.33 -15.51
CA ASP A 211 -21.89 -21.21 -16.25
C ASP A 211 -22.06 -20.90 -17.74
N LYS A 212 -20.94 -20.70 -18.42
CA LYS A 212 -20.95 -20.37 -19.84
C LYS A 212 -20.05 -21.35 -20.57
N ARG A 213 -20.64 -22.17 -21.43
CA ARG A 213 -19.86 -23.02 -22.32
C ARG A 213 -19.24 -22.18 -23.42
N VAL A 214 -17.95 -22.38 -23.67
CA VAL A 214 -17.24 -21.61 -24.68
C VAL A 214 -16.90 -22.52 -25.85
N GLU A 215 -17.39 -22.18 -27.04
CA GLU A 215 -17.06 -22.92 -28.24
C GLU A 215 -16.72 -21.98 -29.39
N ASP B 1 3.33 21.92 1.75
CA ASP B 1 3.00 20.57 1.30
C ASP B 1 4.16 19.97 0.51
N ILE B 2 4.94 19.12 1.17
CA ILE B 2 6.17 18.59 0.58
C ILE B 2 5.84 17.42 -0.34
N GLN B 3 6.38 17.46 -1.55
CA GLN B 3 6.16 16.40 -2.53
C GLN B 3 7.34 15.42 -2.53
N MET B 4 7.03 14.12 -2.51
CA MET B 4 8.04 13.05 -2.51
C MET B 4 7.99 12.32 -3.84
N THR B 5 9.12 12.29 -4.55
CA THR B 5 9.24 11.67 -5.87
C THR B 5 10.16 10.47 -5.77
N GLN B 6 9.65 9.30 -6.11
CA GLN B 6 10.43 8.07 -6.05
C GLN B 6 10.92 7.67 -7.42
N SER B 7 12.06 6.96 -7.44
CA SER B 7 12.55 6.42 -8.71
C SER B 7 13.45 5.21 -8.43
N PRO B 8 13.49 4.23 -9.36
CA PRO B 8 12.69 4.21 -10.58
C PRO B 8 11.24 3.81 -10.28
N SER B 9 10.35 3.86 -11.28
CA SER B 9 8.97 3.45 -11.03
C SER B 9 8.88 1.94 -10.84
N SER B 10 9.72 1.20 -11.55
CA SER B 10 9.85 -0.23 -11.30
C SER B 10 11.26 -0.65 -11.64
N LEU B 11 11.65 -1.80 -11.11
CA LEU B 11 13.00 -2.30 -11.27
C LEU B 11 12.91 -3.81 -11.30
N SER B 12 13.57 -4.43 -12.27
CA SER B 12 13.65 -5.88 -12.34
C SER B 12 14.99 -6.30 -11.76
N ALA B 13 14.97 -7.30 -10.89
CA ALA B 13 16.20 -7.77 -10.27
C ALA B 13 16.08 -9.27 -10.00
N SER B 14 17.21 -9.88 -9.66
CA SER B 14 17.25 -11.29 -9.35
C SER B 14 17.54 -11.51 -7.86
N VAL B 15 17.14 -12.69 -7.37
CA VAL B 15 17.53 -13.08 -6.02
C VAL B 15 19.05 -13.00 -5.92
N GLY B 16 19.53 -12.43 -4.80
CA GLY B 16 20.95 -12.20 -4.58
C GLY B 16 21.46 -10.83 -4.99
N ASP B 17 20.67 -10.04 -5.71
CA ASP B 17 21.11 -8.74 -6.18
C ASP B 17 21.09 -7.70 -5.07
N ARG B 18 22.02 -6.75 -5.16
CA ARG B 18 21.96 -5.52 -4.38
C ARG B 18 21.07 -4.53 -5.13
N VAL B 19 20.06 -3.98 -4.46
CA VAL B 19 19.17 -3.03 -5.11
C VAL B 19 19.07 -1.77 -4.28
N THR B 20 19.01 -0.62 -4.95
CA THR B 20 18.88 0.67 -4.28
C THR B 20 17.81 1.49 -4.98
N ILE B 21 16.87 2.01 -4.20
CA ILE B 21 15.77 2.82 -4.68
C ILE B 21 15.89 4.20 -4.07
N THR B 22 15.37 5.23 -4.76
CA THR B 22 15.61 6.63 -4.43
C THR B 22 14.30 7.35 -4.15
N CYS B 23 14.36 8.33 -3.23
CA CYS B 23 13.25 9.17 -2.85
C CYS B 23 13.76 10.59 -2.73
N LYS B 24 13.08 11.55 -3.36
CA LYS B 24 13.55 12.93 -3.33
C LYS B 24 12.42 13.83 -2.87
N ALA B 25 12.70 14.67 -1.87
CA ALA B 25 11.71 15.59 -1.33
C ALA B 25 11.80 16.93 -2.03
N SER B 26 10.64 17.57 -2.22
CA SER B 26 10.62 18.86 -2.89
C SER B 26 11.19 19.98 -2.03
N GLN B 27 11.42 19.72 -0.76
CA GLN B 27 12.11 20.66 0.12
C GLN B 27 12.67 19.89 1.30
N ASP B 28 13.48 20.57 2.10
CA ASP B 28 14.23 19.95 3.19
C ASP B 28 13.29 19.24 4.17
N VAL B 29 13.58 17.96 4.45
CA VAL B 29 12.83 17.21 5.46
C VAL B 29 13.73 16.71 6.58
N THR B 30 14.94 17.28 6.69
CA THR B 30 16.00 16.83 7.59
C THR B 30 16.24 15.34 7.38
N THR B 31 16.02 14.50 8.40
CA THR B 31 16.15 13.05 8.24
C THR B 31 14.85 12.32 8.53
N ALA B 32 13.71 13.03 8.50
CA ALA B 32 12.44 12.43 8.93
C ALA B 32 11.75 11.77 7.73
N VAL B 33 12.31 10.63 7.32
CA VAL B 33 11.83 9.87 6.17
C VAL B 33 11.64 8.41 6.61
N ALA B 34 10.51 7.82 6.24
CA ALA B 34 10.20 6.43 6.54
C ALA B 34 10.01 5.67 5.23
N TRP B 35 10.21 4.36 5.31
CA TRP B 35 10.06 3.46 4.16
C TRP B 35 9.16 2.31 4.55
N TYR B 36 8.34 1.87 3.58
CA TYR B 36 7.35 0.82 3.77
C TYR B 36 7.41 -0.17 2.62
N GLN B 37 7.10 -1.42 2.94
CA GLN B 37 6.87 -2.46 1.95
C GLN B 37 5.39 -2.76 1.86
N GLN B 38 4.89 -3.03 0.66
CA GLN B 38 3.51 -3.44 0.49
C GLN B 38 3.41 -4.54 -0.55
N LYS B 39 2.72 -5.61 -0.21
CA LYS B 39 2.42 -6.68 -1.13
C LYS B 39 0.94 -6.66 -1.49
N PRO B 40 0.58 -7.18 -2.66
CA PRO B 40 -0.81 -7.06 -3.12
C PRO B 40 -1.79 -7.64 -2.11
N GLY B 41 -2.86 -6.88 -1.83
CA GLY B 41 -3.89 -7.32 -0.92
C GLY B 41 -3.59 -7.19 0.55
N LYS B 42 -2.43 -6.64 0.92
CA LYS B 42 -2.02 -6.53 2.31
C LYS B 42 -1.73 -5.07 2.64
N ALA B 43 -1.79 -4.74 3.93
CA ALA B 43 -1.42 -3.40 4.36
C ALA B 43 0.10 -3.22 4.26
N PRO B 44 0.56 -1.98 4.14
CA PRO B 44 2.00 -1.73 4.17
C PRO B 44 2.57 -2.08 5.54
N LYS B 45 3.86 -2.38 5.55
CA LYS B 45 4.59 -2.53 6.82
C LYS B 45 5.79 -1.60 6.86
N LEU B 46 6.07 -1.06 8.04
CA LEU B 46 7.17 -0.13 8.23
C LEU B 46 8.51 -0.85 8.20
N LEU B 47 9.46 -0.29 7.47
CA LEU B 47 10.82 -0.85 7.36
C LEU B 47 11.85 0.02 8.03
N ILE B 48 11.78 1.33 7.76
CA ILE B 48 12.83 2.29 8.14
C ILE B 48 12.14 3.57 8.58
N TYR B 49 12.69 4.24 9.60
CA TYR B 49 12.24 5.58 9.96
C TYR B 49 13.43 6.43 10.37
N TRP B 50 13.20 7.75 10.44
CA TRP B 50 14.26 8.73 10.64
C TRP B 50 15.43 8.46 9.69
N ALA B 51 15.09 8.11 8.45
CA ALA B 51 15.96 7.95 7.29
C ALA B 51 16.80 6.68 7.36
N SER B 52 17.35 6.34 8.54
CA SER B 52 18.31 5.25 8.61
C SER B 52 18.08 4.24 9.73
N THR B 53 17.01 4.37 10.52
CA THR B 53 16.79 3.45 11.64
C THR B 53 15.91 2.31 11.18
N ARG B 54 16.45 1.10 11.27
CA ARG B 54 15.72 -0.11 10.92
C ARG B 54 14.72 -0.44 12.02
N HIS B 55 13.48 -0.69 11.62
CA HIS B 55 12.38 -0.96 12.54
C HIS B 55 12.52 -2.39 13.09
N THR B 56 11.92 -2.61 14.25
CA THR B 56 12.06 -3.89 14.93
C THR B 56 11.50 -5.02 14.08
N GLY B 57 12.24 -6.14 14.02
CA GLY B 57 11.78 -7.31 13.30
C GLY B 57 11.99 -7.26 11.80
N VAL B 58 12.59 -6.20 11.27
CA VAL B 58 12.87 -6.05 9.84
C VAL B 58 14.21 -6.72 9.57
N PRO B 59 14.36 -7.50 8.50
CA PRO B 59 15.64 -8.19 8.26
C PRO B 59 16.78 -7.22 8.04
N SER B 60 17.98 -7.69 8.37
CA SER B 60 19.15 -6.81 8.39
C SER B 60 19.57 -6.38 7.00
N ARG B 61 19.12 -7.06 5.94
CA ARG B 61 19.50 -6.67 4.58
C ARG B 61 18.87 -5.35 4.16
N PHE B 62 17.88 -4.86 4.89
CA PHE B 62 17.25 -3.59 4.60
C PHE B 62 18.01 -2.47 5.32
N SER B 63 18.36 -1.42 4.58
CA SER B 63 18.96 -0.25 5.21
C SER B 63 18.51 1.00 4.47
N GLY B 64 18.63 2.13 5.14
CA GLY B 64 18.25 3.40 4.55
C GLY B 64 19.26 4.47 4.87
N SER B 65 19.32 5.47 4.00
CA SER B 65 20.20 6.60 4.27
C SER B 65 19.71 7.83 3.55
N GLY B 66 20.36 8.96 3.84
CA GLY B 66 20.06 10.21 3.17
C GLY B 66 19.69 11.31 4.17
N SER B 67 19.60 12.51 3.63
CA SER B 67 19.22 13.66 4.43
C SER B 67 18.86 14.82 3.50
N GLY B 68 18.27 15.84 4.11
CA GLY B 68 17.86 17.02 3.37
C GLY B 68 16.77 16.68 2.39
N THR B 69 17.12 16.49 1.12
CA THR B 69 16.13 16.11 0.12
C THR B 69 16.41 14.79 -0.57
N ASP B 70 17.54 14.12 -0.30
CA ASP B 70 17.88 12.91 -1.05
C ASP B 70 17.99 11.72 -0.11
N PHE B 71 17.23 10.65 -0.41
CA PHE B 71 17.11 9.49 0.45
C PHE B 71 17.18 8.23 -0.39
N THR B 72 17.73 7.17 0.18
CA THR B 72 17.76 5.88 -0.50
C THR B 72 17.38 4.76 0.46
N LEU B 73 16.85 3.69 -0.13
CA LEU B 73 16.61 2.42 0.55
C LEU B 73 17.39 1.35 -0.19
N THR B 74 18.13 0.53 0.54
CA THR B 74 18.98 -0.48 -0.06
C THR B 74 18.64 -1.84 0.51
N ILE B 75 18.46 -2.81 -0.38
CA ILE B 75 18.39 -4.22 0.01
C ILE B 75 19.69 -4.85 -0.44
N SER B 76 20.49 -5.33 0.52
CA SER B 76 21.86 -5.72 0.21
C SER B 76 21.93 -6.99 -0.62
N SER B 77 20.97 -7.91 -0.41
CA SER B 77 20.94 -9.19 -1.14
C SER B 77 19.47 -9.61 -1.21
N LEU B 78 18.86 -9.43 -2.39
CA LEU B 78 17.43 -9.64 -2.55
C LEU B 78 17.04 -11.10 -2.31
N GLN B 79 15.96 -11.30 -1.56
CA GLN B 79 15.40 -12.61 -1.31
C GLN B 79 14.03 -12.71 -1.97
N PRO B 80 13.53 -13.92 -2.23
CA PRO B 80 12.24 -14.04 -2.94
C PRO B 80 11.10 -13.27 -2.30
N GLU B 81 11.05 -13.20 -0.96
CA GLU B 81 9.98 -12.48 -0.29
C GLU B 81 10.07 -10.97 -0.47
N ASP B 82 11.12 -10.44 -1.10
CA ASP B 82 11.34 -9.00 -1.18
C ASP B 82 10.69 -8.36 -2.41
N PHE B 83 10.25 -9.15 -3.37
CA PHE B 83 9.59 -8.61 -4.53
C PHE B 83 8.24 -8.06 -4.10
N ALA B 84 8.03 -6.76 -4.32
CA ALA B 84 6.93 -6.04 -3.69
C ALA B 84 6.99 -4.57 -4.10
N THR B 85 6.06 -3.74 -3.63
CA THR B 85 6.14 -2.32 -3.89
C THR B 85 6.67 -1.64 -2.63
N TYR B 86 7.53 -0.63 -2.81
CA TYR B 86 8.13 0.13 -1.71
C TYR B 86 7.70 1.58 -1.81
N TYR B 87 7.34 2.17 -0.67
CA TYR B 87 6.92 3.56 -0.58
C TYR B 87 7.81 4.31 0.40
N CYS B 88 8.26 5.51 0.04
CA CYS B 88 8.82 6.38 1.06
C CYS B 88 7.74 7.36 1.52
N GLN B 89 7.97 7.94 2.69
CA GLN B 89 7.06 8.89 3.32
C GLN B 89 7.91 9.91 4.04
N GLN B 90 7.56 11.19 3.96
CA GLN B 90 8.20 12.13 4.89
C GLN B 90 7.32 12.25 6.12
N HIS B 91 7.93 12.10 7.29
CA HIS B 91 7.23 12.31 8.56
C HIS B 91 7.76 13.56 9.24
N TYR B 92 8.16 14.54 8.42
CA TYR B 92 8.72 15.79 8.92
C TYR B 92 7.61 16.77 9.29
N THR B 93 6.72 17.07 8.35
CA THR B 93 5.68 18.05 8.61
C THR B 93 4.32 17.57 8.13
N ILE B 94 3.28 17.92 8.87
CA ILE B 94 1.91 17.81 8.36
C ILE B 94 1.75 18.76 7.19
N PRO B 95 1.14 18.36 6.06
CA PRO B 95 0.57 17.03 5.76
C PRO B 95 1.63 15.99 5.46
N TRP B 96 1.51 14.82 6.08
CA TRP B 96 2.42 13.74 5.76
C TRP B 96 2.15 13.29 4.33
N THR B 97 3.23 13.09 3.56
CA THR B 97 3.12 12.76 2.15
C THR B 97 4.01 11.57 1.81
N PHE B 98 3.58 10.83 0.79
CA PHE B 98 4.18 9.58 0.36
C PHE B 98 4.68 9.72 -1.07
N GLY B 99 5.79 9.04 -1.37
CA GLY B 99 6.18 8.85 -2.75
C GLY B 99 5.18 7.96 -3.50
N GLY B 100 5.30 7.97 -4.83
CA GLY B 100 4.39 7.21 -5.68
C GLY B 100 4.63 5.72 -5.70
N GLY B 101 5.76 5.27 -5.18
CA GLY B 101 6.09 3.86 -5.05
C GLY B 101 7.07 3.39 -6.12
N THR B 102 7.79 2.32 -5.79
CA THR B 102 8.70 1.62 -6.70
C THR B 102 8.34 0.14 -6.63
N LYS B 103 7.99 -0.47 -7.77
CA LYS B 103 7.69 -1.89 -7.79
C LYS B 103 8.95 -2.67 -8.11
N LEU B 104 9.30 -3.64 -7.25
CA LEU B 104 10.44 -4.53 -7.43
C LEU B 104 9.92 -5.85 -7.96
N GLU B 105 10.30 -6.16 -9.21
CA GLU B 105 9.82 -7.29 -9.98
C GLU B 105 10.96 -8.25 -10.31
N ILE B 106 10.59 -9.45 -10.77
CA ILE B 106 11.56 -10.53 -10.98
C ILE B 106 12.10 -10.45 -12.40
N LYS B 107 13.42 -10.39 -12.54
CA LYS B 107 14.04 -10.38 -13.85
C LYS B 107 14.01 -11.76 -14.49
N ARG B 108 13.74 -11.81 -15.79
CA ARG B 108 13.80 -13.05 -16.56
C ARG B 108 14.13 -12.67 -18.00
N THR B 109 14.29 -13.70 -18.85
CA THR B 109 14.63 -13.46 -20.24
C THR B 109 13.44 -12.89 -21.00
N VAL B 110 13.72 -12.12 -22.04
CA VAL B 110 12.66 -11.57 -22.88
C VAL B 110 11.82 -12.71 -23.46
N ALA B 111 10.51 -12.53 -23.47
CA ALA B 111 9.58 -13.51 -24.02
C ALA B 111 8.53 -12.77 -24.85
N ALA B 112 8.40 -13.19 -26.12
CA ALA B 112 7.39 -12.60 -26.98
C ALA B 112 5.99 -13.05 -26.56
N PRO B 113 4.99 -12.18 -26.66
CA PRO B 113 3.62 -12.61 -26.39
C PRO B 113 3.10 -13.53 -27.48
N SER B 114 2.24 -14.48 -27.10
CA SER B 114 1.35 -15.12 -28.06
C SER B 114 0.10 -14.25 -28.16
N VAL B 115 -0.36 -13.96 -29.38
CA VAL B 115 -1.42 -12.97 -29.57
C VAL B 115 -2.65 -13.64 -30.16
N PHE B 116 -3.82 -13.25 -29.64
CA PHE B 116 -5.09 -13.85 -30.04
C PHE B 116 -6.14 -12.76 -30.16
N ILE B 117 -7.01 -12.87 -31.16
CA ILE B 117 -8.12 -11.92 -31.31
C ILE B 117 -9.43 -12.70 -31.25
N PHE B 118 -10.42 -12.11 -30.56
CA PHE B 118 -11.72 -12.70 -30.34
C PHE B 118 -12.79 -11.74 -30.86
N PRO B 119 -13.64 -12.18 -31.77
CA PRO B 119 -14.77 -11.35 -32.20
C PRO B 119 -15.86 -11.32 -31.16
N PRO B 120 -16.82 -10.40 -31.25
CA PRO B 120 -17.94 -10.44 -30.31
C PRO B 120 -18.79 -11.69 -30.50
N SER B 121 -19.39 -12.17 -29.42
CA SER B 121 -20.32 -13.28 -29.51
C SER B 121 -21.64 -12.82 -30.12
N ASP B 122 -22.38 -13.78 -30.68
CA ASP B 122 -23.73 -13.47 -31.16
C ASP B 122 -24.64 -13.07 -29.99
N GLU B 123 -24.42 -13.66 -28.81
CA GLU B 123 -25.20 -13.32 -27.63
C GLU B 123 -25.06 -11.84 -27.31
N GLN B 124 -23.83 -11.33 -27.25
CA GLN B 124 -23.65 -9.92 -26.94
C GLN B 124 -24.23 -9.03 -28.03
N LEU B 125 -24.00 -9.37 -29.30
CA LEU B 125 -24.51 -8.56 -30.39
C LEU B 125 -26.03 -8.44 -30.33
N LYS B 126 -26.71 -9.53 -29.98
CA LYS B 126 -28.16 -9.47 -29.81
C LYS B 126 -28.59 -8.42 -28.79
N SER B 127 -27.68 -8.04 -27.89
CA SER B 127 -27.96 -7.07 -26.84
C SER B 127 -27.58 -5.64 -27.20
N GLY B 128 -27.04 -5.40 -28.41
CA GLY B 128 -26.82 -4.06 -28.89
C GLY B 128 -25.40 -3.53 -28.76
N THR B 129 -24.47 -4.32 -28.26
CA THR B 129 -23.09 -3.87 -28.07
C THR B 129 -22.16 -4.93 -28.65
N ALA B 130 -20.95 -4.52 -29.02
CA ALA B 130 -19.95 -5.43 -29.55
C ALA B 130 -18.62 -5.14 -28.89
N SER B 131 -18.08 -6.14 -28.21
CA SER B 131 -16.74 -6.06 -27.63
C SER B 131 -15.83 -6.98 -28.43
N VAL B 132 -14.67 -6.44 -28.84
CA VAL B 132 -13.64 -7.21 -29.54
C VAL B 132 -12.43 -7.28 -28.62
N VAL B 133 -11.87 -8.48 -28.43
CA VAL B 133 -10.86 -8.68 -27.39
C VAL B 133 -9.56 -9.15 -28.02
N CYS B 134 -8.46 -8.53 -27.62
CA CYS B 134 -7.12 -8.90 -28.06
C CYS B 134 -6.34 -9.33 -26.83
N LEU B 135 -5.76 -10.53 -26.88
CA LEU B 135 -5.05 -11.12 -25.75
C LEU B 135 -3.58 -11.26 -26.10
N LEU B 136 -2.72 -10.76 -25.22
CA LEU B 136 -1.27 -10.95 -25.28
C LEU B 136 -0.89 -11.88 -24.13
N ASN B 137 -0.42 -13.09 -24.44
CA ASN B 137 -0.21 -14.13 -23.44
C ASN B 137 1.27 -14.37 -23.17
N ASN B 138 1.64 -14.26 -21.88
CA ASN B 138 2.90 -14.76 -21.33
C ASN B 138 4.11 -14.12 -22.00
N PHE B 139 4.25 -12.81 -21.79
CA PHE B 139 5.34 -12.05 -22.37
C PHE B 139 6.16 -11.36 -21.27
N TYR B 140 7.34 -10.88 -21.66
CA TYR B 140 8.24 -10.16 -20.78
C TYR B 140 9.24 -9.38 -21.62
N PRO B 141 9.52 -8.11 -21.29
CA PRO B 141 9.01 -7.38 -20.12
C PRO B 141 7.59 -6.87 -20.29
N ARG B 142 7.12 -6.11 -19.31
CA ARG B 142 5.71 -5.69 -19.25
C ARG B 142 5.34 -4.77 -20.40
N GLU B 143 6.30 -3.99 -20.89
CA GLU B 143 6.00 -2.96 -21.87
C GLU B 143 5.54 -3.57 -23.20
N ALA B 144 4.37 -3.13 -23.67
CA ALA B 144 3.88 -3.58 -24.96
C ALA B 144 3.00 -2.48 -25.56
N LYS B 145 2.85 -2.52 -26.89
CA LYS B 145 1.96 -1.59 -27.58
C LYS B 145 0.89 -2.40 -28.31
N VAL B 146 -0.37 -2.02 -28.10
CA VAL B 146 -1.51 -2.63 -28.78
C VAL B 146 -2.25 -1.52 -29.50
N GLN B 147 -2.46 -1.67 -30.81
CA GLN B 147 -3.21 -0.69 -31.58
C GLN B 147 -4.35 -1.38 -32.30
N TRP B 148 -5.54 -0.80 -32.22
CA TRP B 148 -6.71 -1.34 -32.90
C TRP B 148 -6.86 -0.64 -34.25
N LYS B 149 -7.09 -1.41 -35.31
CA LYS B 149 -7.38 -0.84 -36.61
C LYS B 149 -8.64 -1.49 -37.18
N VAL B 150 -9.58 -0.67 -37.61
CA VAL B 150 -10.84 -1.13 -38.17
C VAL B 150 -10.91 -0.61 -39.60
N ASP B 151 -10.84 -1.53 -40.57
CA ASP B 151 -10.72 -1.17 -41.98
C ASP B 151 -9.63 -0.12 -42.18
N ASN B 152 -8.48 -0.36 -41.53
CA ASN B 152 -7.29 0.49 -41.57
C ASN B 152 -7.37 1.72 -40.68
N ALA B 153 -8.56 2.09 -40.20
CA ALA B 153 -8.68 3.28 -39.37
C ALA B 153 -8.17 3.00 -37.96
N LEU B 154 -7.16 3.75 -37.53
CA LEU B 154 -6.65 3.60 -36.19
C LEU B 154 -7.69 4.08 -35.17
N GLN B 155 -7.95 3.26 -34.17
CA GLN B 155 -8.92 3.59 -33.13
C GLN B 155 -8.24 4.33 -31.99
N SER B 156 -8.98 5.24 -31.33
CA SER B 156 -8.37 6.12 -30.34
C SER B 156 -8.92 5.93 -28.93
N GLY B 157 -10.14 6.37 -28.65
CA GLY B 157 -10.58 6.39 -27.27
C GLY B 157 -11.70 5.43 -26.92
N ASN B 158 -11.70 4.26 -27.56
CA ASN B 158 -12.78 3.28 -27.39
C ASN B 158 -12.24 1.92 -26.99
N SER B 159 -11.07 1.87 -26.38
CA SER B 159 -10.51 0.62 -25.90
C SER B 159 -10.02 0.80 -24.46
N GLN B 160 -9.92 -0.32 -23.76
CA GLN B 160 -9.34 -0.33 -22.42
C GLN B 160 -8.49 -1.58 -22.29
N GLU B 161 -7.40 -1.49 -21.52
CA GLU B 161 -6.58 -2.67 -21.31
C GLU B 161 -6.35 -2.91 -19.82
N SER B 162 -5.97 -4.15 -19.54
CA SER B 162 -5.73 -4.63 -18.20
C SER B 162 -4.56 -5.58 -18.27
N VAL B 163 -3.72 -5.57 -17.24
CA VAL B 163 -2.50 -6.39 -17.22
C VAL B 163 -2.48 -7.19 -15.93
N THR B 164 -2.06 -8.45 -16.02
CA THR B 164 -1.89 -9.26 -14.82
C THR B 164 -0.60 -8.90 -14.08
N GLU B 165 -0.52 -9.30 -12.82
CA GLU B 165 0.76 -9.28 -12.13
C GLU B 165 1.65 -10.42 -12.64
N GLN B 166 2.95 -10.33 -12.31
CA GLN B 166 3.89 -11.34 -12.77
C GLN B 166 3.45 -12.74 -12.36
N ASP B 167 3.43 -13.65 -13.33
CA ASP B 167 3.09 -15.05 -13.09
C ASP B 167 3.97 -15.65 -11.99
N SER B 168 3.34 -16.42 -11.10
CA SER B 168 4.08 -17.03 -10.01
C SER B 168 5.04 -18.10 -10.50
N LYS B 169 4.76 -18.73 -11.64
CA LYS B 169 5.59 -19.81 -12.17
C LYS B 169 6.67 -19.31 -13.13
N ASP B 170 6.28 -18.57 -14.16
CA ASP B 170 7.22 -18.20 -15.22
C ASP B 170 7.58 -16.73 -15.25
N SER B 171 7.04 -15.92 -14.33
CA SER B 171 7.40 -14.51 -14.16
C SER B 171 7.02 -13.65 -15.37
N THR B 172 6.08 -14.08 -16.18
CA THR B 172 5.64 -13.30 -17.33
C THR B 172 4.39 -12.51 -16.99
N TYR B 173 3.98 -11.68 -17.97
CA TYR B 173 2.76 -10.89 -17.91
C TYR B 173 1.82 -11.31 -19.02
N SER B 174 0.53 -11.05 -18.81
CA SER B 174 -0.46 -11.18 -19.86
C SER B 174 -1.30 -9.91 -19.85
N LEU B 175 -1.94 -9.61 -20.98
CA LEU B 175 -2.63 -8.35 -21.15
C LEU B 175 -3.87 -8.58 -22.01
N SER B 176 -4.96 -7.93 -21.63
CA SER B 176 -6.15 -7.91 -22.46
C SER B 176 -6.42 -6.47 -22.90
N SER B 177 -6.81 -6.31 -24.15
CA SER B 177 -7.33 -5.04 -24.66
C SER B 177 -8.71 -5.29 -25.24
N THR B 178 -9.68 -4.44 -24.86
CA THR B 178 -11.05 -4.59 -25.28
C THR B 178 -11.49 -3.34 -26.01
N LEU B 179 -11.94 -3.51 -27.25
CA LEU B 179 -12.47 -2.43 -28.05
C LEU B 179 -13.98 -2.57 -28.01
N THR B 180 -14.68 -1.51 -27.65
CA THR B 180 -16.14 -1.56 -27.47
C THR B 180 -16.81 -0.62 -28.46
N LEU B 181 -17.71 -1.16 -29.27
CA LEU B 181 -18.49 -0.43 -30.26
C LEU B 181 -19.97 -0.72 -30.03
N SER B 182 -20.84 0.21 -30.44
CA SER B 182 -22.24 -0.17 -30.57
C SER B 182 -22.38 -1.23 -31.67
N LYS B 183 -23.46 -2.00 -31.59
CA LYS B 183 -23.75 -2.99 -32.63
C LYS B 183 -23.82 -2.35 -34.02
N ALA B 184 -24.54 -1.24 -34.16
CA ALA B 184 -24.68 -0.59 -35.47
C ALA B 184 -23.32 -0.18 -36.03
N ASP B 185 -22.48 0.44 -35.21
CA ASP B 185 -21.14 0.82 -35.65
C ASP B 185 -20.31 -0.41 -36.00
N TYR B 186 -20.39 -1.46 -35.19
CA TYR B 186 -19.63 -2.68 -35.47
C TYR B 186 -20.03 -3.25 -36.82
N GLU B 187 -21.32 -3.27 -37.12
CA GLU B 187 -21.79 -3.81 -38.39
C GLU B 187 -21.50 -2.89 -39.56
N LYS B 188 -21.05 -1.66 -39.31
CA LYS B 188 -20.62 -0.80 -40.42
C LYS B 188 -19.28 -1.21 -41.04
N HIS B 189 -18.49 -2.03 -40.37
CA HIS B 189 -17.11 -2.28 -40.79
C HIS B 189 -16.88 -3.77 -41.04
N LYS B 190 -15.76 -4.08 -41.71
CA LYS B 190 -15.46 -5.45 -42.09
C LYS B 190 -14.26 -6.02 -41.33
N VAL B 191 -13.08 -5.41 -41.41
CA VAL B 191 -11.84 -6.00 -40.92
C VAL B 191 -11.51 -5.40 -39.57
N TYR B 192 -11.39 -6.25 -38.56
CA TYR B 192 -10.98 -5.84 -37.22
C TYR B 192 -9.63 -6.43 -36.91
N ALA B 193 -8.66 -5.57 -36.55
CA ALA B 193 -7.29 -6.00 -36.36
C ALA B 193 -6.71 -5.41 -35.08
N CYS B 194 -5.92 -6.19 -34.38
CA CYS B 194 -5.11 -5.68 -33.29
C CYS B 194 -3.65 -5.94 -33.66
N GLU B 195 -2.86 -4.87 -33.68
CA GLU B 195 -1.44 -4.91 -34.03
C GLU B 195 -0.65 -4.75 -32.74
N VAL B 196 0.26 -5.69 -32.49
CA VAL B 196 1.01 -5.77 -31.24
C VAL B 196 2.49 -5.54 -31.53
N THR B 197 3.12 -4.65 -30.77
CA THR B 197 4.54 -4.43 -30.82
C THR B 197 5.14 -4.76 -29.45
N HIS B 198 6.24 -5.51 -29.46
CA HIS B 198 6.87 -5.92 -28.22
C HIS B 198 8.33 -6.23 -28.51
N GLN B 199 9.16 -6.04 -27.48
CA GLN B 199 10.62 -6.19 -27.63
C GLN B 199 11.01 -7.57 -28.12
N GLY B 200 10.25 -8.60 -27.76
CA GLY B 200 10.63 -9.95 -28.13
C GLY B 200 10.26 -10.35 -29.54
N LEU B 201 9.53 -9.49 -30.23
CA LEU B 201 9.17 -9.71 -31.62
C LEU B 201 10.07 -8.90 -32.54
N SER B 202 10.44 -9.49 -33.67
CA SER B 202 11.26 -8.82 -34.66
C SER B 202 10.49 -7.79 -35.46
N SER B 203 9.17 -7.77 -35.34
CA SER B 203 8.29 -6.89 -36.09
C SER B 203 6.93 -6.89 -35.41
N PRO B 204 6.07 -5.91 -35.67
CA PRO B 204 4.71 -5.99 -35.16
C PRO B 204 4.01 -7.22 -35.70
N VAL B 205 3.09 -7.76 -34.91
CA VAL B 205 2.24 -8.86 -35.37
C VAL B 205 0.80 -8.34 -35.42
N THR B 206 0.10 -8.61 -36.50
CA THR B 206 -1.28 -8.19 -36.62
C THR B 206 -2.16 -9.41 -36.62
N LYS B 207 -3.13 -9.46 -35.71
CA LYS B 207 -4.14 -10.50 -35.72
C LYS B 207 -5.48 -9.87 -36.12
N SER B 208 -6.19 -10.50 -37.04
CA SER B 208 -7.40 -9.85 -37.55
C SER B 208 -8.46 -10.89 -37.87
N PHE B 209 -9.71 -10.43 -37.95
CA PHE B 209 -10.77 -11.22 -38.53
C PHE B 209 -11.65 -10.35 -39.41
N ASN B 210 -12.40 -11.01 -40.29
CA ASN B 210 -13.35 -10.39 -41.20
C ASN B 210 -14.77 -10.64 -40.68
N ARG B 211 -15.52 -9.55 -40.42
CA ARG B 211 -16.81 -9.69 -39.75
C ARG B 211 -17.78 -10.60 -40.50
N GLY B 212 -17.69 -10.63 -41.83
CA GLY B 212 -18.57 -11.48 -42.62
C GLY B 212 -18.30 -12.96 -42.45
N TRP C 1 10.43 24.99 20.16
CA TRP C 1 10.37 24.71 21.58
C TRP C 1 11.76 24.49 22.16
N ASN C 2 11.93 24.78 23.45
CA ASN C 2 13.25 24.68 24.06
C ASN C 2 13.60 23.22 24.35
N PRO C 3 14.89 22.88 24.29
CA PRO C 3 15.32 21.50 24.58
C PRO C 3 15.03 21.15 26.04
N PRO C 4 14.88 19.86 26.34
CA PRO C 4 14.67 19.47 27.73
C PRO C 4 15.91 19.72 28.56
N THR C 5 15.71 19.85 29.86
CA THR C 5 16.81 19.89 30.81
C THR C 5 16.90 18.55 31.52
N PHE C 6 18.08 18.27 32.06
CA PHE C 6 18.40 16.96 32.63
C PHE C 6 19.25 17.20 33.87
N SER C 7 18.73 16.83 35.03
CA SER C 7 19.36 17.20 36.30
C SER C 7 19.36 16.02 37.25
N PRO C 8 20.29 15.98 38.22
CA PRO C 8 21.37 16.94 38.44
C PRO C 8 22.53 16.71 37.48
N ALA C 9 23.41 17.70 37.34
CA ALA C 9 24.54 17.55 36.43
C ALA C 9 25.47 16.44 36.89
N LEU C 10 25.53 16.19 38.19
CA LEU C 10 26.31 15.12 38.77
C LEU C 10 25.47 14.40 39.81
N LEU C 11 25.24 13.12 39.60
CA LEU C 11 24.48 12.28 40.52
C LEU C 11 25.40 11.20 41.06
N VAL C 12 25.56 11.14 42.37
CA VAL C 12 26.40 10.14 43.02
C VAL C 12 25.51 9.25 43.89
N VAL C 13 25.60 7.94 43.68
CA VAL C 13 24.83 6.98 44.46
C VAL C 13 25.75 5.81 44.80
N THR C 14 25.28 4.98 45.71
CA THR C 14 26.01 3.79 46.14
C THR C 14 25.46 2.58 45.40
N GLU C 15 26.35 1.69 44.97
CA GLU C 15 25.94 0.46 44.29
C GLU C 15 24.87 -0.27 45.07
N GLY C 16 23.83 -0.72 44.37
CA GLY C 16 22.69 -1.37 44.96
C GLY C 16 21.54 -0.44 45.26
N ASP C 17 21.79 0.85 45.33
CA ASP C 17 20.75 1.85 45.54
C ASP C 17 20.23 2.35 44.21
N ASN C 18 19.16 3.14 44.27
CA ASN C 18 18.52 3.67 43.08
C ASN C 18 19.07 5.06 42.78
N ALA C 19 19.11 5.39 41.49
CA ALA C 19 19.62 6.68 41.06
C ALA C 19 18.57 7.33 40.20
N THR C 20 18.15 8.55 40.53
CA THR C 20 17.04 9.18 39.81
C THR C 20 17.46 10.52 39.25
N PHE C 21 17.48 10.63 37.93
CA PHE C 21 17.59 11.89 37.20
C PHE C 21 16.19 12.43 36.93
N THR C 22 16.12 13.72 36.61
CA THR C 22 14.89 14.38 36.18
C THR C 22 15.12 15.02 34.83
N CYS C 23 14.30 14.61 33.85
CA CYS C 23 14.20 15.28 32.57
C CYS C 23 12.97 16.19 32.60
N SER C 24 13.17 17.48 32.34
CA SER C 24 12.10 18.47 32.38
C SER C 24 11.90 19.04 30.98
N PHE C 25 10.65 19.08 30.54
CA PHE C 25 10.35 19.45 29.15
C PHE C 25 9.00 20.13 29.11
N SER C 26 8.98 21.40 28.71
CA SER C 26 7.72 22.13 28.58
C SER C 26 7.09 21.75 27.25
N ASN C 27 5.99 21.01 27.31
CA ASN C 27 5.32 20.49 26.13
C ASN C 27 4.21 21.44 25.70
N THR C 28 4.29 21.93 24.47
CA THR C 28 3.24 22.74 23.87
C THR C 28 2.17 21.88 23.21
N SER C 29 2.29 20.56 23.32
CA SER C 29 1.37 19.62 22.69
C SER C 29 1.55 18.27 23.36
N GLU C 30 0.63 17.35 23.04
CA GLU C 30 0.74 15.98 23.49
C GLU C 30 1.70 15.17 22.62
N SER C 31 2.12 15.71 21.48
CA SER C 31 2.78 14.96 20.40
C SER C 31 4.30 14.90 20.54
N PHE C 32 4.81 14.47 21.69
CA PHE C 32 6.23 14.34 21.95
C PHE C 32 6.54 12.93 22.47
N VAL C 33 7.77 12.47 22.20
CA VAL C 33 8.34 11.30 22.83
C VAL C 33 9.58 11.74 23.59
N LEU C 34 9.73 11.27 24.82
CA LEU C 34 10.90 11.57 25.64
C LEU C 34 11.78 10.32 25.72
N ASN C 35 13.05 10.49 25.40
CA ASN C 35 13.99 9.39 25.36
C ASN C 35 15.08 9.62 26.39
N TRP C 36 15.58 8.52 26.96
CA TRP C 36 16.67 8.53 27.93
C TRP C 36 17.83 7.75 27.34
N TYR C 37 19.02 8.37 27.30
CA TYR C 37 20.19 7.80 26.64
C TYR C 37 21.37 7.74 27.59
N ARG C 38 22.21 6.74 27.37
CA ARG C 38 23.56 6.68 27.91
C ARG C 38 24.56 6.86 26.77
N MET C 39 25.65 7.57 27.04
CA MET C 39 26.71 7.70 26.07
C MET C 39 27.65 6.51 26.18
N SER C 40 27.90 5.86 25.06
CA SER C 40 28.82 4.73 25.02
C SER C 40 30.25 5.23 25.03
N PRO C 41 31.23 4.34 25.19
CA PRO C 41 32.64 4.80 25.11
C PRO C 41 32.99 5.47 23.79
N SER C 42 32.44 4.99 22.67
CA SER C 42 32.71 5.56 21.37
C SER C 42 31.89 6.81 21.08
N ASN C 43 31.29 7.41 22.12
CA ASN C 43 30.35 8.52 21.96
C ASN C 43 29.22 8.17 20.99
N GLN C 44 28.71 6.96 21.14
CA GLN C 44 27.42 6.59 20.57
C GLN C 44 26.38 6.65 21.68
N THR C 45 25.21 7.20 21.35
CA THR C 45 24.11 7.29 22.29
C THR C 45 23.28 6.01 22.24
N ASP C 46 23.02 5.43 23.41
CA ASP C 46 22.26 4.18 23.53
C ASP C 46 20.96 4.47 24.27
N LYS C 47 19.83 4.15 23.64
CA LYS C 47 18.54 4.44 24.26
C LYS C 47 18.28 3.43 25.38
N LEU C 48 18.02 3.97 26.57
CA LEU C 48 17.69 3.19 27.76
C LEU C 48 16.19 2.98 27.93
N ALA C 49 15.38 3.98 27.58
CA ALA C 49 13.95 3.96 27.85
C ALA C 49 13.31 5.13 27.14
N ALA C 50 11.98 5.06 27.01
CA ALA C 50 11.25 6.10 26.30
C ALA C 50 9.86 6.20 26.90
N PHE C 51 9.29 7.41 26.87
CA PHE C 51 7.90 7.62 27.23
C PHE C 51 7.22 8.53 26.21
N PRO C 52 6.14 8.10 25.56
CA PRO C 52 5.59 6.75 25.63
C PRO C 52 6.56 5.72 25.07
N GLU C 53 6.46 4.49 25.55
CA GLU C 53 7.39 3.44 25.18
C GLU C 53 7.21 3.07 23.70
N ASP C 54 8.28 2.52 23.14
CA ASP C 54 8.23 1.93 21.80
C ASP C 54 7.50 0.60 21.87
N ARG C 55 6.28 0.55 21.31
CA ARG C 55 5.48 -0.67 21.35
C ARG C 55 6.11 -1.80 20.57
N SER C 56 7.03 -1.50 19.66
CA SER C 56 7.73 -2.54 18.92
C SER C 56 8.90 -3.12 19.69
N GLN C 57 9.16 -2.62 20.90
CA GLN C 57 10.19 -3.16 21.78
C GLN C 57 9.55 -3.60 23.10
N PRO C 58 8.72 -4.65 23.10
CA PRO C 58 8.25 -5.21 24.36
C PRO C 58 9.26 -6.19 24.95
N GLY C 59 9.42 -6.11 26.27
CA GLY C 59 10.39 -6.94 26.96
C GLY C 59 11.72 -6.23 27.12
N GLN C 60 11.71 -5.09 27.82
CA GLN C 60 12.84 -4.19 27.91
C GLN C 60 13.66 -4.50 29.17
N ASP C 61 14.61 -3.62 29.49
CA ASP C 61 15.40 -3.73 30.73
C ASP C 61 14.67 -2.99 31.83
N CYS C 62 14.11 -3.75 32.77
CA CYS C 62 13.36 -3.17 33.88
C CYS C 62 14.22 -2.31 34.80
N ARG C 63 15.55 -2.35 34.67
CA ARG C 63 16.38 -1.53 35.56
C ARG C 63 16.33 -0.05 35.20
N PHE C 64 15.85 0.30 34.00
CA PHE C 64 15.79 1.69 33.59
C PHE C 64 14.34 2.09 33.41
N ARG C 65 13.84 2.95 34.30
CA ARG C 65 12.42 3.28 34.35
C ARG C 65 12.20 4.78 34.18
N VAL C 66 11.09 5.14 33.52
CA VAL C 66 10.67 6.52 33.37
C VAL C 66 9.31 6.68 34.03
N THR C 67 9.17 7.73 34.84
CA THR C 67 7.94 8.00 35.57
C THR C 67 7.51 9.43 35.28
N GLN C 68 6.29 9.62 34.80
CA GLN C 68 5.78 10.97 34.60
C GLN C 68 5.30 11.54 35.93
N LEU C 69 5.77 12.75 36.27
CA LEU C 69 5.31 13.46 37.45
C LEU C 69 4.04 14.24 37.15
N PRO C 70 3.27 14.59 38.18
CA PRO C 70 1.91 15.14 37.94
C PRO C 70 1.86 16.47 37.19
N ASN C 71 2.90 17.29 37.23
CA ASN C 71 2.80 18.56 36.50
C ASN C 71 2.94 18.38 34.99
N GLY C 72 3.14 17.15 34.51
CA GLY C 72 3.26 16.85 33.09
C GLY C 72 4.51 17.37 32.42
N ARG C 73 5.37 18.07 33.13
CA ARG C 73 6.61 18.61 32.61
C ARG C 73 7.84 17.82 33.05
N ASP C 74 7.83 17.25 34.25
CA ASP C 74 8.98 16.58 34.83
C ASP C 74 8.80 15.07 34.74
N PHE C 75 9.90 14.38 34.45
CA PHE C 75 9.94 12.94 34.32
C PHE C 75 11.13 12.41 35.12
N HIS C 76 10.86 11.48 36.02
CA HIS C 76 11.93 10.76 36.70
C HIS C 76 12.51 9.70 35.77
N MET C 77 13.82 9.66 35.64
CA MET C 77 14.50 8.61 34.88
C MET C 77 15.44 7.92 35.86
N SER C 78 15.12 6.68 36.20
CA SER C 78 15.69 6.01 37.36
C SER C 78 16.45 4.76 36.93
N VAL C 79 17.68 4.62 37.43
CA VAL C 79 18.42 3.34 37.43
C VAL C 79 18.07 2.61 38.72
N VAL C 80 17.44 1.46 38.60
CA VAL C 80 17.09 0.65 39.76
C VAL C 80 18.24 -0.31 40.05
N ARG C 81 18.72 -0.30 41.29
CA ARG C 81 19.81 -1.15 41.76
C ARG C 81 21.06 -0.93 40.91
N ALA C 82 21.59 0.28 41.04
CA ALA C 82 22.72 0.70 40.23
C ALA C 82 23.94 -0.18 40.48
N ARG C 83 24.67 -0.46 39.42
CA ARG C 83 25.92 -1.20 39.44
C ARG C 83 27.07 -0.26 39.14
N ARG C 84 28.27 -0.63 39.60
CA ARG C 84 29.42 0.23 39.36
C ARG C 84 29.59 0.55 37.88
N ASN C 85 29.26 -0.40 37.01
CA ASN C 85 29.38 -0.22 35.56
C ASN C 85 28.35 0.74 34.98
N ASP C 86 27.33 1.16 35.76
CA ASP C 86 26.43 2.20 35.30
C ASP C 86 27.04 3.60 35.36
N SER C 87 28.20 3.77 36.00
CA SER C 87 28.86 5.08 36.00
C SER C 87 29.13 5.52 34.57
N GLY C 88 28.82 6.77 34.26
CA GLY C 88 29.01 7.24 32.91
C GLY C 88 28.20 8.50 32.65
N THR C 89 27.90 8.73 31.38
CA THR C 89 27.30 9.97 30.90
C THR C 89 25.89 9.69 30.39
N TYR C 90 24.94 10.49 30.82
CA TYR C 90 23.53 10.28 30.53
C TYR C 90 22.92 11.57 30.00
N LEU C 91 21.83 11.43 29.25
CA LEU C 91 21.10 12.60 28.79
C LEU C 91 19.69 12.19 28.42
N CYS C 92 18.82 13.17 28.22
CA CYS C 92 17.51 12.89 27.67
C CYS C 92 17.32 13.68 26.38
N GLY C 93 16.40 13.21 25.56
CA GLY C 93 16.07 13.87 24.31
C GLY C 93 14.57 13.92 24.12
N ALA C 94 14.12 14.98 23.49
CA ALA C 94 12.72 15.13 23.15
C ALA C 94 12.58 15.06 21.64
N ILE C 95 11.61 14.29 21.16
CA ILE C 95 11.33 14.20 19.73
C ILE C 95 9.87 14.60 19.53
N SER C 96 9.66 15.71 18.82
CA SER C 96 8.31 16.07 18.42
C SER C 96 7.92 15.23 17.21
N LEU C 97 6.65 14.81 17.19
CA LEU C 97 6.11 14.01 16.08
C LEU C 97 5.23 14.81 15.13
N ALA C 98 4.50 15.80 15.63
CA ALA C 98 3.57 16.60 14.82
C ALA C 98 3.35 17.93 15.52
N PRO C 99 3.11 19.02 14.78
CA PRO C 99 3.02 19.16 13.32
C PRO C 99 4.37 19.17 12.59
N LYS C 100 5.46 19.22 13.34
CA LYS C 100 6.81 19.21 12.76
C LYS C 100 7.70 18.34 13.63
N ALA C 101 8.32 17.35 13.03
CA ALA C 101 9.12 16.37 13.76
C ALA C 101 10.54 16.89 13.93
N GLN C 102 11.00 16.94 15.18
CA GLN C 102 12.41 17.29 15.33
C GLN C 102 12.93 16.83 16.68
N ILE C 103 14.25 16.75 16.78
CA ILE C 103 14.93 16.13 17.91
C ILE C 103 15.77 17.17 18.62
N LYS C 104 15.64 17.25 19.94
CA LYS C 104 16.46 18.16 20.73
C LYS C 104 16.95 17.44 21.99
N GLU C 105 18.25 17.50 22.24
CA GLU C 105 18.84 16.81 23.37
C GLU C 105 19.09 17.77 24.53
N SER C 106 19.05 17.23 25.74
CA SER C 106 19.48 17.98 26.91
C SER C 106 21.00 18.05 26.97
N LEU C 107 21.50 18.91 27.86
CA LEU C 107 22.90 18.82 28.26
C LEU C 107 23.15 17.47 28.94
N ARG C 108 24.41 17.04 28.93
CA ARG C 108 24.75 15.74 29.50
C ARG C 108 25.03 15.86 30.99
N ALA C 109 24.79 14.75 31.70
CA ALA C 109 25.04 14.67 33.13
C ALA C 109 25.88 13.43 33.38
N GLU C 110 26.50 13.39 34.56
CA GLU C 110 27.34 12.27 34.96
C GLU C 110 26.67 11.51 36.10
N LEU C 111 26.61 10.19 35.98
CA LEU C 111 26.27 9.30 37.07
C LEU C 111 27.55 8.63 37.60
N ARG C 112 27.76 8.76 38.91
CA ARG C 112 28.86 8.10 39.62
C ARG C 112 28.28 7.12 40.61
N VAL C 113 28.58 5.83 40.43
CA VAL C 113 28.11 4.79 41.33
C VAL C 113 29.29 4.33 42.18
N THR C 114 29.20 4.52 43.48
CA THR C 114 30.33 4.25 44.37
C THR C 114 30.25 2.88 45.01
N GLU C 115 31.36 2.45 45.59
CA GLU C 115 31.43 1.19 46.32
C GLU C 115 30.78 1.33 47.70
#